data_5I8F
#
_entry.id   5I8F
#
_cell.length_a   60.860
_cell.length_b   89.639
_cell.length_c   76.410
_cell.angle_alpha   90.00
_cell.angle_beta   90.00
_cell.angle_gamma   90.00
#
_symmetry.space_group_name_H-M   'C 2 2 21'
#
loop_
_entity.id
_entity.type
_entity.pdbx_description
1 polymer 'Phenolic oxidative coupling protein'
2 non-polymer 'UNKNOWN LIGAND'
3 non-polymer 'SODIUM ION'
4 non-polymer N-[2-(5-methoxy-1H-indol-3-yl)ethyl]acetamide
5 non-polymer GLYCEROL
6 water water
#
_entity_poly.entity_id   1
_entity_poly.type   'polypeptide(L)'
_entity_poly.pdbx_seq_one_letter_code
;GIDPFTMAAYTIVKEEESPIAPHRLFKALVLERHQVLVKAQPHVFKSGEIIEGDGGVGTVTKITFVDGHPLTYMLHKFDE
IDAANFYCKYTLFEGDVLRDNIEKVVYEVKLEAVGGGSKGKITVTYHPKPGCTVNEEEVKIGEKKAYEFYKQVEEYLAAN
PEVFA
;
_entity_poly.pdbx_strand_id   A
#
# COMPACT_ATOMS: atom_id res chain seq x y z
N ILE A 2 -17.47 20.29 -8.53
CA ILE A 2 -16.42 20.25 -9.59
C ILE A 2 -17.02 20.43 -10.99
N ASP A 3 -18.25 20.91 -11.10
CA ASP A 3 -18.81 21.08 -12.43
C ASP A 3 -17.93 22.01 -13.26
N PRO A 4 -17.92 21.80 -14.58
CA PRO A 4 -18.63 20.82 -15.40
C PRO A 4 -17.92 19.44 -15.51
N PHE A 5 -17.08 19.11 -14.55
CA PHE A 5 -16.35 17.85 -14.61
C PHE A 5 -17.19 16.64 -14.19
N THR A 6 -16.82 15.46 -14.71
CA THR A 6 -17.45 14.17 -14.45
C THR A 6 -16.84 13.58 -13.16
N MET A 7 -15.51 13.68 -13.02
CA MET A 7 -14.82 13.10 -11.86
C MET A 7 -13.51 13.82 -11.63
N ALA A 8 -12.91 13.52 -10.48
CA ALA A 8 -11.68 14.14 -10.05
C ALA A 8 -10.77 13.11 -9.44
N ALA A 9 -9.49 13.43 -9.45
CA ALA A 9 -8.45 12.57 -8.86
C ALA A 9 -7.42 13.45 -8.16
N TYR A 10 -7.05 13.08 -6.95
CA TYR A 10 -6.18 13.88 -6.09
C TYR A 10 -4.97 13.06 -5.73
N THR A 11 -3.80 13.64 -5.92
CA THR A 11 -2.56 12.87 -5.80
C THR A 11 -1.62 13.43 -4.76
N ILE A 12 -1.05 12.54 -3.95
CA ILE A 12 0.08 12.82 -3.06
C ILE A 12 1.33 12.21 -3.66
N VAL A 13 2.41 12.95 -3.72
CA VAL A 13 3.70 12.44 -4.16
C VAL A 13 4.66 12.54 -2.99
N LYS A 14 5.33 11.43 -2.67
CA LYS A 14 6.28 11.39 -1.55
C LYS A 14 7.55 10.72 -2.03
N GLU A 15 8.68 11.23 -1.51
CA GLU A 15 9.98 10.63 -1.77
C GLU A 15 10.58 10.25 -0.44
N GLU A 16 11.21 9.09 -0.38
N GLU A 16 11.20 9.09 -0.38
CA GLU A 16 11.71 8.50 0.85
CA GLU A 16 11.80 8.58 0.85
C GLU A 16 13.08 7.88 0.58
C GLU A 16 13.11 7.90 0.56
N GLU A 17 13.88 7.72 1.61
CA GLU A 17 15.17 7.03 1.56
C GLU A 17 15.22 6.05 2.73
N SER A 18 15.85 4.91 2.51
CA SER A 18 15.90 3.85 3.53
C SER A 18 17.26 3.19 3.50
N PRO A 19 17.70 2.66 4.64
CA PRO A 19 18.91 1.83 4.62
C PRO A 19 18.69 0.38 4.15
N ILE A 20 17.44 0.00 3.91
CA ILE A 20 17.12 -1.35 3.47
C ILE A 20 17.22 -1.43 1.96
N ALA A 21 17.78 -2.51 1.45
CA ALA A 21 17.93 -2.73 0.03
C ALA A 21 16.57 -2.83 -0.66
N PRO A 22 16.48 -2.37 -1.93
CA PRO A 22 15.15 -2.16 -2.53
C PRO A 22 14.37 -3.44 -2.75
N HIS A 23 15.01 -4.54 -3.06
CA HIS A 23 14.24 -5.76 -3.32
C HIS A 23 13.53 -6.21 -2.05
N ARG A 24 14.11 -5.97 -0.88
CA ARG A 24 13.51 -6.36 0.36
C ARG A 24 12.30 -5.50 0.69
N LEU A 25 12.43 -4.20 0.49
CA LEU A 25 11.27 -3.28 0.65
C LEU A 25 10.19 -3.57 -0.36
N PHE A 26 10.57 -3.86 -1.58
CA PHE A 26 9.57 -4.12 -2.62
C PHE A 26 8.74 -5.32 -2.23
N LYS A 27 9.38 -6.36 -1.68
CA LYS A 27 8.61 -7.50 -1.18
C LYS A 27 7.78 -7.12 0.05
N ALA A 28 8.37 -6.51 1.05
CA ALA A 28 7.68 -6.33 2.33
C ALA A 28 6.57 -5.32 2.26
N LEU A 29 6.74 -4.26 1.45
CA LEU A 29 5.83 -3.14 1.44
C LEU A 29 4.87 -3.15 0.27
N VAL A 30 5.12 -3.99 -0.72
CA VAL A 30 4.30 -4.06 -1.94
C VAL A 30 3.81 -5.46 -2.20
N LEU A 31 4.69 -6.34 -2.64
CA LEU A 31 4.21 -7.65 -3.12
C LEU A 31 3.66 -8.58 -2.02
N GLU A 32 4.24 -8.50 -0.84
N GLU A 32 4.23 -8.50 -0.83
CA GLU A 32 3.85 -9.33 0.29
CA GLU A 32 3.79 -9.34 0.29
C GLU A 32 3.28 -8.51 1.44
C GLU A 32 3.30 -8.50 1.45
N ARG A 33 2.91 -7.26 1.16
CA ARG A 33 2.36 -6.37 2.18
C ARG A 33 1.20 -7.01 2.91
N HIS A 34 0.37 -7.74 2.17
CA HIS A 34 -0.79 -8.41 2.76
C HIS A 34 -0.43 -9.35 3.89
N GLN A 35 0.68 -10.06 3.75
N GLN A 35 0.69 -10.05 3.79
CA GLN A 35 1.22 -10.93 4.80
CA GLN A 35 1.15 -10.93 4.85
C GLN A 35 1.87 -10.15 5.91
C GLN A 35 1.94 -10.20 5.93
N VAL A 36 2.72 -9.20 5.54
CA VAL A 36 3.54 -8.48 6.48
C VAL A 36 2.71 -7.63 7.43
N LEU A 37 1.57 -7.09 6.97
CA LEU A 37 0.67 -6.35 7.86
C LEU A 37 0.23 -7.17 9.02
N VAL A 38 -0.11 -8.43 8.75
CA VAL A 38 -0.57 -9.35 9.80
C VAL A 38 0.53 -9.69 10.74
N LYS A 39 1.73 -9.88 10.23
CA LYS A 39 2.88 -10.16 11.09
C LYS A 39 3.26 -8.99 11.97
N ALA A 40 3.22 -7.79 11.41
CA ALA A 40 3.63 -6.59 12.10
C ALA A 40 2.60 -6.10 13.10
N GLN A 41 1.31 -6.24 12.74
CA GLN A 41 0.21 -5.66 13.54
C GLN A 41 -0.89 -6.67 13.71
N PRO A 42 -0.61 -7.78 14.43
CA PRO A 42 -1.62 -8.86 14.57
C PRO A 42 -2.82 -8.47 15.43
N HIS A 43 -2.72 -7.36 16.16
CA HIS A 43 -3.85 -6.85 16.91
C HIS A 43 -4.78 -5.98 16.07
N VAL A 44 -4.39 -5.72 14.85
CA VAL A 44 -5.18 -4.94 13.89
C VAL A 44 -5.67 -5.78 12.74
N PHE A 45 -4.80 -6.61 12.19
CA PHE A 45 -5.08 -7.38 11.00
C PHE A 45 -5.23 -8.86 11.35
N LYS A 46 -6.40 -9.43 11.01
CA LYS A 46 -6.70 -10.83 11.21
C LYS A 46 -5.99 -11.73 10.17
N SER A 47 -6.02 -11.31 8.92
CA SER A 47 -5.52 -12.17 7.83
C SER A 47 -5.24 -11.31 6.62
N GLY A 48 -4.37 -11.86 5.76
CA GLY A 48 -4.03 -11.24 4.49
C GLY A 48 -3.68 -12.33 3.54
N GLU A 49 -4.32 -12.36 2.38
N GLU A 49 -4.35 -12.39 2.40
CA GLU A 49 -4.28 -13.52 1.49
CA GLU A 49 -4.11 -13.47 1.47
C GLU A 49 -4.43 -13.09 0.04
C GLU A 49 -4.42 -13.09 0.05
N ILE A 50 -3.73 -13.76 -0.86
CA ILE A 50 -4.03 -13.71 -2.28
C ILE A 50 -5.28 -14.52 -2.51
N ILE A 51 -6.26 -13.90 -3.17
CA ILE A 51 -7.48 -14.60 -3.55
C ILE A 51 -7.61 -14.83 -5.04
N GLU A 52 -6.76 -14.17 -5.85
CA GLU A 52 -6.66 -14.45 -7.28
C GLU A 52 -5.24 -14.20 -7.72
N GLY A 53 -4.71 -14.99 -8.65
CA GLY A 53 -3.42 -14.73 -9.25
C GLY A 53 -2.28 -15.38 -8.55
N ASP A 54 -1.07 -15.02 -8.97
CA ASP A 54 0.14 -15.77 -8.58
C ASP A 54 1.12 -14.96 -7.80
N GLY A 55 0.76 -13.72 -7.48
CA GLY A 55 1.69 -12.82 -6.85
C GLY A 55 2.30 -11.79 -7.79
N GLY A 56 2.09 -11.96 -9.09
CA GLY A 56 2.53 -10.97 -10.09
C GLY A 56 1.34 -10.12 -10.55
N VAL A 57 1.46 -9.56 -11.75
N VAL A 57 1.46 -9.61 -11.76
CA VAL A 57 0.36 -8.76 -12.29
CA VAL A 57 0.38 -8.78 -12.32
C VAL A 57 -0.92 -9.56 -12.27
C VAL A 57 -0.94 -9.52 -12.39
N GLY A 58 -2.03 -8.85 -11.97
CA GLY A 58 -3.33 -9.44 -11.92
C GLY A 58 -3.73 -9.97 -10.57
N THR A 59 -2.78 -10.07 -9.65
CA THR A 59 -3.11 -10.61 -8.33
C THR A 59 -4.14 -9.71 -7.64
N VAL A 60 -5.05 -10.34 -6.94
CA VAL A 60 -5.94 -9.68 -5.98
C VAL A 60 -5.66 -10.20 -4.59
N THR A 61 -5.49 -9.29 -3.65
CA THR A 61 -5.34 -9.65 -2.24
C THR A 61 -6.57 -9.22 -1.45
N LYS A 62 -6.81 -9.91 -0.36
CA LYS A 62 -7.79 -9.52 0.65
C LYS A 62 -7.13 -9.42 2.02
N ILE A 63 -7.21 -8.24 2.61
CA ILE A 63 -6.71 -8.00 3.96
C ILE A 63 -7.90 -7.78 4.85
N THR A 64 -7.96 -8.52 5.94
CA THR A 64 -9.10 -8.46 6.84
C THR A 64 -8.64 -7.94 8.20
N PHE A 65 -9.37 -6.96 8.74
CA PHE A 65 -9.12 -6.43 10.07
C PHE A 65 -9.75 -7.33 11.11
N VAL A 66 -9.25 -7.24 12.34
CA VAL A 66 -9.88 -7.97 13.43
C VAL A 66 -11.31 -7.46 13.63
N ASP A 67 -12.16 -8.34 14.18
CA ASP A 67 -13.59 -8.06 14.28
C ASP A 67 -13.84 -6.83 15.11
N GLY A 68 -13.06 -6.57 16.14
CA GLY A 68 -13.31 -5.43 17.00
C GLY A 68 -13.00 -4.09 16.37
N HIS A 69 -12.13 -4.07 15.36
CA HIS A 69 -11.70 -2.82 14.74
C HIS A 69 -12.85 -2.29 13.92
N PRO A 70 -13.04 -0.95 13.82
CA PRO A 70 -14.10 -0.41 12.94
C PRO A 70 -14.06 -0.85 11.50
N LEU A 71 -12.88 -1.06 10.94
CA LEU A 71 -12.76 -1.46 9.54
C LEU A 71 -12.83 -2.98 9.44
N THR A 72 -13.14 -3.44 8.23
CA THR A 72 -13.44 -4.85 8.01
C THR A 72 -12.49 -5.50 7.03
N TYR A 73 -12.44 -5.04 5.77
CA TYR A 73 -11.55 -5.64 4.81
C TYR A 73 -11.22 -4.66 3.70
N MET A 74 -10.18 -5.00 2.96
CA MET A 74 -9.77 -4.26 1.78
C MET A 74 -9.32 -5.24 0.71
N LEU A 75 -9.67 -4.95 -0.54
CA LEU A 75 -9.17 -5.66 -1.71
C LEU A 75 -8.25 -4.77 -2.51
N HIS A 76 -7.07 -5.30 -2.88
CA HIS A 76 -6.15 -4.62 -3.77
C HIS A 76 -5.88 -5.46 -4.98
N LYS A 77 -5.67 -4.82 -6.12
CA LYS A 77 -5.31 -5.45 -7.37
C LYS A 77 -3.98 -4.93 -7.83
N PHE A 78 -3.08 -5.86 -8.21
N PHE A 78 -3.16 -5.83 -8.36
CA PHE A 78 -1.79 -5.51 -8.81
CA PHE A 78 -1.83 -5.47 -8.84
C PHE A 78 -2.01 -5.23 -10.28
C PHE A 78 -1.79 -5.23 -10.31
N ASP A 79 -1.96 -3.96 -10.67
CA ASP A 79 -2.22 -3.55 -12.03
C ASP A 79 -1.02 -3.66 -12.93
N GLU A 80 0.16 -3.30 -12.46
CA GLU A 80 1.38 -3.34 -13.25
C GLU A 80 2.50 -3.68 -12.30
N ILE A 81 3.40 -4.55 -12.74
CA ILE A 81 4.63 -4.86 -11.96
C ILE A 81 5.79 -4.92 -12.92
N ASP A 82 6.86 -4.23 -12.58
CA ASP A 82 8.15 -4.42 -13.22
C ASP A 82 9.15 -4.66 -12.12
N ALA A 83 9.27 -5.92 -11.75
CA ALA A 83 10.01 -6.25 -10.55
C ALA A 83 11.50 -6.01 -10.68
N ALA A 84 12.05 -6.11 -11.88
CA ALA A 84 13.45 -5.83 -12.12
C ALA A 84 13.81 -4.44 -11.69
N ASN A 85 12.90 -3.50 -11.89
CA ASN A 85 13.13 -2.10 -11.62
C ASN A 85 12.29 -1.58 -10.47
N PHE A 86 11.80 -2.47 -9.65
CA PHE A 86 11.10 -2.13 -8.42
C PHE A 86 9.97 -1.16 -8.67
N TYR A 87 9.15 -1.45 -9.68
CA TYR A 87 7.97 -0.64 -9.99
C TYR A 87 6.71 -1.45 -9.82
N CYS A 88 5.71 -0.86 -9.16
CA CYS A 88 4.39 -1.46 -9.10
C CYS A 88 3.33 -0.38 -9.09
N LYS A 89 2.24 -0.63 -9.81
CA LYS A 89 1.00 0.10 -9.65
C LYS A 89 -0.03 -0.85 -9.12
N TYR A 90 -0.69 -0.48 -8.04
CA TYR A 90 -1.73 -1.32 -7.50
C TYR A 90 -2.87 -0.43 -7.00
N THR A 91 -4.06 -1.03 -6.91
CA THR A 91 -5.25 -0.27 -6.62
C THR A 91 -6.02 -0.89 -5.47
N LEU A 92 -6.36 -0.08 -4.49
CA LEU A 92 -7.35 -0.40 -3.46
C LEU A 92 -8.72 -0.13 -4.05
N PHE A 93 -9.45 -1.20 -4.38
CA PHE A 93 -10.68 -1.05 -5.16
C PHE A 93 -11.95 -1.40 -4.43
N GLU A 94 -11.86 -2.00 -3.24
CA GLU A 94 -13.05 -2.41 -2.50
C GLU A 94 -12.72 -2.45 -1.03
N GLY A 95 -13.65 -2.05 -0.17
CA GLY A 95 -13.52 -2.20 1.24
C GLY A 95 -14.10 -1.03 1.99
N ASP A 96 -14.47 -1.23 3.23
CA ASP A 96 -15.09 -0.17 4.00
C ASP A 96 -14.14 0.93 4.45
N VAL A 97 -12.87 0.77 4.18
CA VAL A 97 -11.94 1.89 4.35
C VAL A 97 -12.16 2.98 3.31
N LEU A 98 -12.83 2.67 2.19
CA LEU A 98 -13.16 3.64 1.16
C LEU A 98 -14.36 4.45 1.58
N ARG A 99 -14.99 4.05 2.71
CA ARG A 99 -16.10 4.82 3.33
C ARG A 99 -17.18 5.00 2.29
N ASP A 100 -17.92 6.12 2.30
CA ASP A 100 -18.98 6.37 1.31
C ASP A 100 -18.52 7.06 0.06
N ASN A 101 -17.34 7.68 0.14
CA ASN A 101 -16.97 8.72 -0.78
C ASN A 101 -15.93 8.34 -1.80
N ILE A 102 -15.15 7.28 -1.58
CA ILE A 102 -14.04 6.97 -2.46
C ILE A 102 -14.34 5.76 -3.33
N GLU A 103 -14.07 5.89 -4.61
N GLU A 103 -14.10 5.90 -4.63
CA GLU A 103 -14.21 4.79 -5.54
CA GLU A 103 -14.19 4.80 -5.58
C GLU A 103 -13.01 3.85 -5.52
C GLU A 103 -13.01 3.85 -5.44
N LYS A 104 -11.80 4.42 -5.48
CA LYS A 104 -10.58 3.61 -5.42
C LYS A 104 -9.44 4.53 -5.05
N VAL A 105 -8.34 3.92 -4.60
CA VAL A 105 -7.08 4.59 -4.37
C VAL A 105 -6.04 3.86 -5.19
N VAL A 106 -5.27 4.60 -5.98
CA VAL A 106 -4.25 4.01 -6.84
C VAL A 106 -2.89 4.39 -6.33
N TYR A 107 -2.05 3.39 -6.15
CA TYR A 107 -0.69 3.56 -5.62
C TYR A 107 0.30 3.24 -6.70
N GLU A 108 1.34 4.05 -6.81
CA GLU A 108 2.50 3.73 -7.65
C GLU A 108 3.74 3.82 -6.81
N VAL A 109 4.53 2.78 -6.79
CA VAL A 109 5.79 2.74 -6.07
C VAL A 109 6.92 2.48 -7.04
N LYS A 110 7.99 3.26 -6.91
CA LYS A 110 9.20 3.05 -7.71
C LYS A 110 10.39 3.21 -6.81
N LEU A 111 11.17 2.14 -6.66
CA LEU A 111 12.37 2.16 -5.83
C LEU A 111 13.61 2.06 -6.69
N GLU A 112 14.74 2.47 -6.11
CA GLU A 112 16.02 2.29 -6.73
C GLU A 112 17.06 1.97 -5.70
N ALA A 113 18.08 1.24 -6.10
CA ALA A 113 19.18 0.90 -5.20
C ALA A 113 20.13 2.10 -5.07
N VAL A 114 20.52 2.37 -3.85
CA VAL A 114 21.53 3.39 -3.54
C VAL A 114 22.43 2.80 -2.50
N GLY A 115 23.61 2.37 -2.89
CA GLY A 115 24.54 1.77 -1.94
C GLY A 115 23.85 0.51 -1.34
N GLY A 116 23.84 0.33 -0.06
CA GLY A 116 23.22 -0.83 0.51
C GLY A 116 21.75 -0.60 0.80
N GLY A 117 21.22 0.56 0.45
CA GLY A 117 19.86 0.97 0.78
C GLY A 117 19.10 1.32 -0.48
N SER A 118 18.09 2.18 -0.30
N SER A 118 18.13 2.21 -0.32
CA SER A 118 17.10 2.50 -1.32
CA SER A 118 17.19 2.49 -1.37
C SER A 118 16.76 3.97 -1.31
C SER A 118 16.61 3.88 -1.26
N LYS A 119 16.20 4.41 -2.40
CA LYS A 119 15.39 5.61 -2.47
C LYS A 119 14.11 5.19 -3.17
N GLY A 120 13.02 5.88 -2.87
CA GLY A 120 11.72 5.55 -3.45
C GLY A 120 10.88 6.77 -3.70
N LYS A 121 10.00 6.64 -4.69
CA LYS A 121 8.97 7.62 -4.93
C LYS A 121 7.64 6.87 -4.88
N ILE A 122 6.70 7.39 -4.12
CA ILE A 122 5.38 6.82 -3.99
C ILE A 122 4.37 7.87 -4.36
N THR A 123 3.39 7.46 -5.14
N THR A 123 3.48 7.54 -5.28
CA THR A 123 2.35 8.34 -5.66
CA THR A 123 2.30 8.36 -5.46
C THR A 123 0.97 7.72 -5.28
C THR A 123 1.07 7.62 -4.97
N VAL A 124 0.16 8.42 -4.48
CA VAL A 124 -1.13 7.93 -3.98
C VAL A 124 -2.21 8.82 -4.53
N THR A 125 -3.12 8.22 -5.29
CA THR A 125 -4.17 9.00 -5.93
C THR A 125 -5.54 8.52 -5.48
N TYR A 126 -6.27 9.42 -4.86
CA TYR A 126 -7.65 9.21 -4.45
C TYR A 126 -8.58 9.56 -5.56
N HIS A 127 -9.50 8.66 -5.84
CA HIS A 127 -10.56 8.86 -6.83
C HIS A 127 -11.90 8.87 -6.15
N PRO A 128 -12.41 10.03 -5.75
CA PRO A 128 -13.76 10.07 -5.20
C PRO A 128 -14.78 9.58 -6.16
N LYS A 129 -15.90 9.05 -5.64
CA LYS A 129 -17.04 8.82 -6.51
C LYS A 129 -17.51 10.16 -7.05
N PRO A 130 -18.05 10.18 -8.27
CA PRO A 130 -18.56 11.47 -8.78
C PRO A 130 -19.63 12.05 -7.88
N GLY A 131 -19.55 13.34 -7.61
CA GLY A 131 -20.46 13.99 -6.68
C GLY A 131 -20.01 13.93 -5.25
N CYS A 132 -18.94 13.18 -4.96
CA CYS A 132 -18.45 13.08 -3.59
C CYS A 132 -17.14 13.82 -3.43
N THR A 133 -16.86 14.14 -2.17
N THR A 133 -16.86 14.16 -2.18
CA THR A 133 -15.67 14.87 -1.81
CA THR A 133 -15.64 14.88 -1.86
C THR A 133 -14.74 13.97 -1.02
C THR A 133 -14.74 14.00 -1.00
N VAL A 134 -13.45 14.20 -1.16
CA VAL A 134 -12.48 13.49 -0.38
C VAL A 134 -12.53 14.00 1.05
N ASN A 135 -12.39 13.12 2.02
CA ASN A 135 -12.29 13.47 3.45
C ASN A 135 -10.82 13.55 3.83
N GLU A 136 -10.33 14.74 4.11
CA GLU A 136 -8.94 14.96 4.39
C GLU A 136 -8.50 14.16 5.62
N GLU A 137 -9.35 14.03 6.62
CA GLU A 137 -9.00 13.29 7.82
C GLU A 137 -8.62 11.88 7.52
N GLU A 138 -9.42 11.21 6.71
CA GLU A 138 -9.16 9.80 6.41
C GLU A 138 -7.88 9.67 5.59
N VAL A 139 -7.60 10.60 4.69
CA VAL A 139 -6.36 10.59 3.90
C VAL A 139 -5.15 10.70 4.82
N LYS A 140 -5.20 11.66 5.75
CA LYS A 140 -4.09 11.88 6.63
C LYS A 140 -3.89 10.68 7.57
N ILE A 141 -4.96 10.03 8.04
CA ILE A 141 -4.80 8.80 8.81
C ILE A 141 -4.10 7.74 7.97
N GLY A 142 -4.55 7.54 6.73
CA GLY A 142 -3.93 6.54 5.88
C GLY A 142 -2.43 6.79 5.76
N GLU A 143 -2.08 8.04 5.54
N GLU A 143 -2.07 8.05 5.54
CA GLU A 143 -0.68 8.37 5.35
CA GLU A 143 -0.67 8.40 5.34
C GLU A 143 0.13 8.10 6.59
C GLU A 143 0.13 8.11 6.58
N LYS A 144 -0.42 8.47 7.73
CA LYS A 144 0.30 8.29 9.00
C LYS A 144 0.50 6.83 9.28
N LYS A 145 -0.55 6.02 9.05
CA LYS A 145 -0.43 4.59 9.34
C LYS A 145 0.56 3.94 8.35
N ALA A 146 0.54 4.37 7.10
CA ALA A 146 1.46 3.81 6.11
C ALA A 146 2.90 4.11 6.48
N TYR A 147 3.12 5.31 6.99
CA TYR A 147 4.47 5.70 7.38
C TYR A 147 4.94 4.90 8.62
N GLU A 148 4.06 4.76 9.61
N GLU A 148 4.06 4.76 9.61
CA GLU A 148 4.34 4.00 10.81
CA GLU A 148 4.38 4.01 10.80
C GLU A 148 4.68 2.56 10.46
C GLU A 148 4.71 2.56 10.45
N PHE A 149 3.95 1.95 9.56
CA PHE A 149 4.17 0.59 9.11
C PHE A 149 5.51 0.47 8.40
N TYR A 150 5.80 1.42 7.51
CA TYR A 150 7.09 1.43 6.86
C TYR A 150 8.22 1.44 7.87
N LYS A 151 8.11 2.27 8.90
CA LYS A 151 9.19 2.30 9.90
C LYS A 151 9.30 1.04 10.70
N GLN A 152 8.18 0.41 10.98
N GLN A 152 8.18 0.40 11.03
CA GLN A 152 8.18 -0.84 11.69
CA GLN A 152 8.21 -0.89 11.70
C GLN A 152 8.84 -1.96 10.87
C GLN A 152 8.91 -1.94 10.85
N VAL A 153 8.56 -1.97 9.57
CA VAL A 153 9.17 -2.92 8.63
C VAL A 153 10.67 -2.65 8.49
N GLU A 154 11.05 -1.39 8.37
CA GLU A 154 12.46 -1.11 8.25
C GLU A 154 13.22 -1.62 9.45
N GLU A 155 12.69 -1.39 10.65
CA GLU A 155 13.35 -1.82 11.86
C GLU A 155 13.47 -3.33 11.91
N TYR A 156 12.42 -4.04 11.55
CA TYR A 156 12.46 -5.48 11.62
C TYR A 156 13.43 -6.05 10.59
N LEU A 157 13.39 -5.53 9.36
CA LEU A 157 14.27 -6.04 8.33
C LEU A 157 15.72 -5.76 8.63
N ALA A 158 16.02 -4.62 9.25
CA ALA A 158 17.39 -4.32 9.63
C ALA A 158 17.90 -5.31 10.65
N ALA A 159 17.05 -5.70 11.57
CA ALA A 159 17.39 -6.60 12.66
C ALA A 159 17.43 -8.07 12.22
N ASN A 160 16.80 -8.41 11.11
CA ASN A 160 16.64 -9.79 10.66
C ASN A 160 17.00 -9.88 9.19
N PRO A 161 18.30 -9.92 8.88
CA PRO A 161 18.78 -9.82 7.51
C PRO A 161 18.34 -10.96 6.59
N GLU A 162 17.96 -12.09 7.16
CA GLU A 162 17.50 -13.22 6.31
C GLU A 162 16.11 -13.02 5.72
N VAL A 163 15.34 -12.11 6.31
CA VAL A 163 13.97 -11.95 5.86
C VAL A 163 13.95 -11.21 4.52
N PHE A 164 13.32 -11.83 3.52
CA PHE A 164 13.21 -11.26 2.17
C PHE A 164 14.56 -11.09 1.48
N ALA A 165 15.56 -11.77 1.95
CA ALA A 165 16.92 -11.57 1.42
C ALA A 165 17.07 -11.95 -0.07
#